data_6UHX
#
_entry.id   6UHX
#
_cell.length_a   51.545
_cell.length_b   73.049
_cell.length_c   67.800
_cell.angle_alpha   90.000
_cell.angle_beta   100.137
_cell.angle_gamma   90.000
#
_symmetry.space_group_name_H-M   'P 1 21 1'
#
loop_
_entity.id
_entity.type
_entity.pdbx_description
1 polymer 'Uncharacterized oxidoreductase YIR035C'
2 non-polymer 'NADP NICOTINAMIDE-ADENINE-DINUCLEOTIDE PHOSPHATE'
3 water water
#
_entity_poly.entity_id   1
_entity_poly.type   'polypeptide(L)'
_entity_poly.pdbx_seq_one_letter_code
;MGKVILVTGVSRGIGKSIVDVLFSLDKDTVVYGVARSEAPLKKLKEKYGDRFFYVVGDITEDSVLKQLVNAAVKGHGKID
SLVANAGVLEPVQNVNEIDVNAWKKLYDINFFSIVSLVGIALPELKKTNGNVVFVSSDACNMYFSSWGAYGSSKAALNHF
AMTLANEERQVKAIAVAPGIVDTDMQVNIRENVGPSSMSAEQLKMFRGLKENNQLLDSSVPATVYAKLALHGIPDGVNGQ
YLSYNDPALADFMP
;
_entity_poly.pdbx_strand_id   A,B
#
# COMPACT_ATOMS: atom_id res chain seq x y z
N GLY A 2 16.95 -26.35 16.53
CA GLY A 2 17.73 -26.02 15.35
C GLY A 2 16.92 -25.30 14.30
N LYS A 3 16.37 -24.16 14.68
CA LYS A 3 15.49 -23.40 13.79
C LYS A 3 16.30 -22.71 12.70
N VAL A 4 15.77 -22.73 11.47
CA VAL A 4 16.37 -22.02 10.34
C VAL A 4 15.58 -20.75 10.12
N ILE A 5 16.24 -19.60 10.26
CA ILE A 5 15.59 -18.30 10.17
C ILE A 5 16.25 -17.50 9.06
N LEU A 6 15.44 -16.99 8.14
CA LEU A 6 15.90 -16.14 7.05
C LEU A 6 15.58 -14.69 7.38
N VAL A 7 16.61 -13.85 7.41
CA VAL A 7 16.46 -12.43 7.70
C VAL A 7 17.02 -11.62 6.55
N THR A 8 16.33 -10.57 6.16
CA THR A 8 16.74 -9.68 5.09
C THR A 8 17.47 -8.47 5.66
N GLY A 9 18.34 -7.88 4.82
CA GLY A 9 19.08 -6.68 5.16
C GLY A 9 19.76 -6.72 6.51
N VAL A 10 20.78 -7.56 6.66
CA VAL A 10 21.42 -7.78 7.95
C VAL A 10 22.84 -7.23 7.95
N SER A 11 23.07 -6.18 7.16
CA SER A 11 24.39 -5.57 7.10
C SER A 11 24.54 -4.39 8.05
N ARG A 12 23.44 -3.81 8.53
CA ARG A 12 23.47 -2.63 9.38
C ARG A 12 22.10 -2.44 10.00
N GLY A 13 22.06 -1.61 11.04
CA GLY A 13 20.78 -1.26 11.65
C GLY A 13 20.18 -2.42 12.43
N ILE A 14 18.85 -2.56 12.30
CA ILE A 14 18.15 -3.60 13.03
C ILE A 14 18.48 -4.98 12.47
N GLY A 15 18.86 -5.05 11.19
CA GLY A 15 19.11 -6.34 10.58
C GLY A 15 20.28 -7.08 11.21
N LYS A 16 21.44 -6.43 11.28
CA LYS A 16 22.62 -7.07 11.84
C LYS A 16 22.40 -7.43 13.31
N SER A 17 21.58 -6.66 14.01
CA SER A 17 21.31 -6.97 15.42
C SER A 17 20.30 -8.12 15.56
N ILE A 18 19.37 -8.27 14.62
CA ILE A 18 18.42 -9.38 14.68
C ILE A 18 19.17 -10.70 14.70
N VAL A 19 20.19 -10.84 13.86
CA VAL A 19 21.01 -12.05 13.90
C VAL A 19 21.96 -12.07 15.09
N ASP A 20 22.25 -10.90 15.67
CA ASP A 20 23.08 -10.87 16.87
C ASP A 20 22.30 -11.36 18.10
N VAL A 21 21.03 -10.96 18.21
CA VAL A 21 20.22 -11.46 19.32
C VAL A 21 19.83 -12.91 19.10
N LEU A 22 19.66 -13.32 17.84
CA LEU A 22 19.31 -14.71 17.55
C LEU A 22 20.43 -15.67 17.96
N PHE A 23 21.68 -15.24 17.84
CA PHE A 23 22.83 -16.04 18.23
C PHE A 23 23.16 -15.91 19.71
N SER A 24 22.38 -15.14 20.47
CA SER A 24 22.57 -15.00 21.91
C SER A 24 21.60 -15.84 22.73
N LEU A 25 20.38 -16.02 22.25
CA LEU A 25 19.39 -16.82 22.97
C LEU A 25 19.50 -18.31 22.68
N ASP A 26 20.33 -18.71 21.71
CA ASP A 26 20.39 -20.10 21.28
C ASP A 26 21.72 -20.33 20.57
N LYS A 27 22.22 -21.56 20.66
CA LYS A 27 23.48 -21.94 20.06
C LYS A 27 23.32 -22.94 18.91
N ASP A 28 22.10 -23.34 18.58
CA ASP A 28 21.86 -24.26 17.48
C ASP A 28 21.07 -23.63 16.34
N THR A 29 20.70 -22.35 16.45
CA THR A 29 19.91 -21.69 15.42
C THR A 29 20.82 -21.22 14.29
N VAL A 30 20.43 -21.52 13.05
CA VAL A 30 21.16 -21.12 11.86
C VAL A 30 20.39 -20.01 11.18
N VAL A 31 21.09 -18.94 10.80
CA VAL A 31 20.49 -17.77 10.17
C VAL A 31 21.10 -17.57 8.80
N TYR A 32 20.25 -17.41 7.78
CA TYR A 32 20.66 -17.12 6.42
C TYR A 32 20.31 -15.66 6.14
N GLY A 33 21.34 -14.82 6.02
CA GLY A 33 21.14 -13.40 5.78
C GLY A 33 21.38 -13.00 4.34
N VAL A 34 20.96 -11.78 4.02
CA VAL A 34 21.09 -11.24 2.67
C VAL A 34 21.14 -9.72 2.74
N ALA A 35 22.06 -9.13 1.99
CA ALA A 35 22.20 -7.68 1.90
C ALA A 35 22.98 -7.37 0.63
N ARG A 36 23.24 -6.07 0.41
CA ARG A 36 23.96 -5.63 -0.77
C ARG A 36 25.43 -5.32 -0.48
N SER A 37 25.79 -5.06 0.76
CA SER A 37 27.17 -4.72 1.12
C SER A 37 27.91 -5.98 1.51
N GLU A 38 29.01 -6.28 0.79
CA GLU A 38 29.73 -7.52 0.98
C GLU A 38 30.62 -7.50 2.22
N ALA A 39 31.18 -6.34 2.57
CA ALA A 39 32.12 -6.29 3.69
C ALA A 39 31.47 -6.62 5.03
N PRO A 40 30.36 -6.00 5.44
CA PRO A 40 29.79 -6.35 6.74
C PRO A 40 29.17 -7.73 6.80
N LEU A 41 28.87 -8.35 5.66
CA LEU A 41 28.31 -9.70 5.67
C LEU A 41 29.41 -10.75 5.87
N LYS A 42 30.59 -10.53 5.28
CA LYS A 42 31.70 -11.45 5.50
C LYS A 42 32.23 -11.35 6.91
N LYS A 43 32.06 -10.20 7.57
CA LYS A 43 32.48 -10.07 8.96
C LYS A 43 31.55 -10.86 9.89
N LEU A 44 30.28 -10.99 9.53
CA LEU A 44 29.36 -11.76 10.36
C LEU A 44 29.69 -13.25 10.33
N LYS A 45 30.08 -13.77 9.17
CA LYS A 45 30.45 -15.18 9.09
C LYS A 45 31.79 -15.45 9.75
N GLU A 46 32.73 -14.50 9.63
CA GLU A 46 34.00 -14.64 10.34
C GLU A 46 33.78 -14.67 11.85
N LYS A 47 32.74 -13.99 12.34
CA LYS A 47 32.45 -13.93 13.76
C LYS A 47 31.64 -15.12 14.26
N TYR A 48 30.76 -15.67 13.43
CA TYR A 48 29.86 -16.73 13.86
C TYR A 48 30.14 -18.08 13.21
N GLY A 49 30.82 -18.11 12.07
CA GLY A 49 31.22 -19.38 11.48
C GLY A 49 30.07 -20.09 10.81
N ASP A 50 29.86 -21.36 11.17
CA ASP A 50 28.89 -22.22 10.53
C ASP A 50 27.44 -21.94 10.98
N ARG A 51 27.21 -20.86 11.73
CA ARG A 51 25.86 -20.50 12.15
C ARG A 51 25.24 -19.42 11.29
N PHE A 52 26.04 -18.74 10.47
CA PHE A 52 25.55 -17.66 9.61
C PHE A 52 26.01 -17.90 8.18
N PHE A 53 25.10 -17.65 7.24
CA PHE A 53 25.41 -17.74 5.81
C PHE A 53 24.79 -16.54 5.12
N TYR A 54 25.56 -15.93 4.22
CA TYR A 54 25.18 -14.66 3.62
C TYR A 54 25.06 -14.78 2.10
N VAL A 55 24.15 -13.99 1.55
CA VAL A 55 23.98 -13.82 0.11
C VAL A 55 24.05 -12.32 -0.18
N VAL A 56 24.98 -11.92 -1.04
CA VAL A 56 25.21 -10.52 -1.33
C VAL A 56 24.50 -10.19 -2.64
N GLY A 57 23.44 -9.40 -2.54
CA GLY A 57 22.67 -9.00 -3.71
C GLY A 57 21.47 -8.17 -3.28
N ASP A 58 20.80 -7.59 -4.27
CA ASP A 58 19.63 -6.77 -4.02
C ASP A 58 18.39 -7.65 -4.00
N ILE A 59 17.57 -7.49 -2.95
CA ILE A 59 16.38 -8.31 -2.80
C ILE A 59 15.35 -8.05 -3.89
N THR A 60 15.48 -6.96 -4.63
CA THR A 60 14.59 -6.71 -5.76
C THR A 60 14.82 -7.71 -6.90
N GLU A 61 16.01 -8.30 -6.98
CA GLU A 61 16.32 -9.31 -7.98
C GLU A 61 15.93 -10.68 -7.46
N ASP A 62 14.98 -11.32 -8.13
CA ASP A 62 14.55 -12.66 -7.72
C ASP A 62 15.62 -13.72 -7.93
N SER A 63 16.69 -13.41 -8.67
CA SER A 63 17.77 -14.36 -8.83
C SER A 63 18.49 -14.61 -7.51
N VAL A 64 18.64 -13.57 -6.69
CA VAL A 64 19.27 -13.73 -5.39
C VAL A 64 18.27 -14.14 -4.31
N LEU A 65 16.96 -13.94 -4.55
CA LEU A 65 15.97 -14.42 -3.60
C LEU A 65 15.92 -15.94 -3.60
N LYS A 66 15.92 -16.55 -4.79
CA LYS A 66 16.01 -18.01 -4.89
C LYS A 66 17.37 -18.52 -4.44
N GLN A 67 18.42 -17.70 -4.52
CA GLN A 67 19.71 -18.10 -3.99
C GLN A 67 19.66 -18.22 -2.47
N LEU A 68 18.94 -17.33 -1.81
CA LEU A 68 18.87 -17.36 -0.35
C LEU A 68 18.00 -18.52 0.13
N VAL A 69 16.89 -18.79 -0.56
CA VAL A 69 15.96 -19.82 -0.11
C VAL A 69 16.55 -21.21 -0.36
N ASN A 70 17.07 -21.45 -1.56
CA ASN A 70 17.58 -22.78 -1.88
C ASN A 70 18.85 -23.10 -1.12
N ALA A 71 19.63 -22.08 -0.73
CA ALA A 71 20.83 -22.34 0.05
C ALA A 71 20.48 -22.87 1.44
N ALA A 72 19.38 -22.39 2.02
CA ALA A 72 18.95 -22.91 3.31
C ALA A 72 18.39 -24.33 3.20
N VAL A 73 17.78 -24.65 2.05
CA VAL A 73 17.26 -26.00 1.85
C VAL A 73 18.38 -26.95 1.44
N LYS A 74 19.31 -26.48 0.62
CA LYS A 74 20.45 -27.31 0.24
C LYS A 74 21.50 -27.40 1.34
N GLY A 75 21.41 -26.55 2.37
CA GLY A 75 22.35 -26.57 3.46
C GLY A 75 21.81 -27.24 4.70
N HIS A 76 20.52 -27.02 4.99
CA HIS A 76 19.89 -27.60 6.17
C HIS A 76 18.54 -28.26 5.90
N GLY A 77 18.00 -28.14 4.69
CA GLY A 77 16.73 -28.78 4.37
C GLY A 77 15.59 -28.35 5.27
N LYS A 78 15.54 -27.07 5.62
CA LYS A 78 14.60 -26.60 6.62
C LYS A 78 14.43 -25.09 6.47
N ILE A 79 13.19 -24.63 6.62
CA ILE A 79 12.88 -23.20 6.64
C ILE A 79 11.81 -23.00 7.71
N ASP A 80 12.16 -22.28 8.77
CA ASP A 80 11.27 -22.08 9.91
C ASP A 80 10.66 -20.68 9.94
N SER A 81 11.49 -19.64 9.94
CA SER A 81 11.00 -18.28 10.08
C SER A 81 11.57 -17.39 9.00
N LEU A 82 10.86 -16.30 8.73
CA LEU A 82 11.28 -15.31 7.74
C LEU A 82 11.00 -13.92 8.31
N VAL A 83 12.06 -13.20 8.65
CA VAL A 83 11.95 -11.84 9.18
C VAL A 83 12.34 -10.88 8.06
N ALA A 84 11.36 -10.14 7.56
CA ALA A 84 11.58 -9.19 6.47
C ALA A 84 12.04 -7.86 7.06
N ASN A 85 13.35 -7.75 7.29
CA ASN A 85 13.91 -6.56 7.91
C ASN A 85 14.86 -5.83 6.95
N ALA A 86 14.34 -5.41 5.80
CA ALA A 86 15.13 -4.67 4.83
C ALA A 86 14.23 -3.67 4.14
N GLY A 87 14.73 -2.46 3.95
CA GLY A 87 13.93 -1.43 3.30
C GLY A 87 14.73 -0.15 3.14
N VAL A 88 14.17 0.74 2.32
CA VAL A 88 14.74 2.06 2.07
C VAL A 88 13.72 3.11 2.54
N LEU A 89 14.20 4.35 2.62
CA LEU A 89 13.35 5.48 2.96
C LEU A 89 13.11 6.44 1.81
N GLU A 90 14.09 6.62 0.93
CA GLU A 90 13.92 7.48 -0.23
C GLU A 90 12.91 6.85 -1.19
N PRO A 91 12.17 7.67 -1.96
CA PRO A 91 12.27 9.14 -2.01
C PRO A 91 11.52 9.85 -0.88
N VAL A 92 12.24 10.72 -0.17
CA VAL A 92 11.66 11.57 0.86
C VAL A 92 11.40 12.92 0.20
N GLN A 93 10.17 13.15 -0.23
CA GLN A 93 9.84 14.34 -1.01
C GLN A 93 8.40 14.74 -0.77
N ASN A 94 8.14 16.04 -0.90
CA ASN A 94 6.79 16.57 -0.76
C ASN A 94 5.94 16.15 -1.95
N VAL A 95 4.61 16.24 -1.76
CA VAL A 95 3.68 15.85 -2.81
C VAL A 95 3.78 16.75 -4.04
N ASN A 96 4.32 17.96 -3.88
CA ASN A 96 4.51 18.86 -5.01
C ASN A 96 5.75 18.53 -5.83
N GLU A 97 6.58 17.59 -5.38
CA GLU A 97 7.83 17.21 -6.05
C GLU A 97 7.97 15.69 -5.97
N ILE A 98 7.10 14.98 -6.69
CA ILE A 98 7.04 13.52 -6.64
C ILE A 98 7.60 12.94 -7.93
N ASP A 99 8.42 11.91 -7.78
CA ASP A 99 8.92 11.11 -8.90
C ASP A 99 8.31 9.72 -8.78
N VAL A 100 7.38 9.40 -9.68
CA VAL A 100 6.63 8.15 -9.57
C VAL A 100 7.54 6.95 -9.78
N ASN A 101 8.50 7.05 -10.70
CA ASN A 101 9.43 5.95 -10.91
C ASN A 101 10.31 5.72 -9.69
N ALA A 102 10.52 6.76 -8.88
CA ALA A 102 11.22 6.58 -7.62
C ALA A 102 10.32 5.95 -6.55
N TRP A 103 9.01 6.17 -6.65
CA TRP A 103 8.08 5.54 -5.71
C TRP A 103 8.01 4.03 -5.94
N LYS A 104 7.97 3.61 -7.21
CA LYS A 104 7.98 2.18 -7.51
C LYS A 104 9.29 1.54 -7.09
N LYS A 105 10.40 2.26 -7.23
CA LYS A 105 11.69 1.77 -6.74
C LYS A 105 11.66 1.61 -5.23
N LEU A 106 10.97 2.51 -4.52
CA LEU A 106 10.75 2.34 -3.10
C LEU A 106 9.86 1.14 -2.81
N TYR A 107 8.80 0.97 -3.60
CA TYR A 107 7.87 -0.14 -3.40
C TYR A 107 8.47 -1.47 -3.78
N ASP A 108 9.48 -1.49 -4.66
CA ASP A 108 10.12 -2.73 -5.07
C ASP A 108 11.05 -3.30 -4.01
N ILE A 109 11.33 -2.55 -2.96
CA ILE A 109 12.26 -2.99 -1.91
C ILE A 109 11.53 -3.32 -0.62
N ASN A 110 10.54 -2.52 -0.23
CA ASN A 110 9.86 -2.70 1.04
C ASN A 110 8.56 -3.49 0.93
N PHE A 111 8.07 -3.76 -0.28
CA PHE A 111 6.82 -4.49 -0.43
C PHE A 111 6.93 -5.57 -1.49
N PHE A 112 7.19 -5.18 -2.74
CA PHE A 112 7.28 -6.15 -3.82
C PHE A 112 8.43 -7.13 -3.61
N SER A 113 9.48 -6.69 -2.92
CA SER A 113 10.58 -7.61 -2.61
C SER A 113 10.15 -8.69 -1.63
N ILE A 114 9.22 -8.37 -0.73
CA ILE A 114 8.80 -9.34 0.28
C ILE A 114 7.70 -10.25 -0.26
N VAL A 115 6.79 -9.71 -1.07
CA VAL A 115 5.75 -10.54 -1.66
C VAL A 115 6.37 -11.61 -2.55
N SER A 116 7.45 -11.27 -3.26
CA SER A 116 8.16 -12.27 -4.04
C SER A 116 8.97 -13.20 -3.16
N LEU A 117 9.51 -12.69 -2.06
CA LEU A 117 10.33 -13.52 -1.17
C LEU A 117 9.49 -14.58 -0.48
N VAL A 118 8.29 -14.22 -0.02
CA VAL A 118 7.44 -15.19 0.66
C VAL A 118 6.94 -16.25 -0.32
N GLY A 119 6.53 -15.83 -1.52
CA GLY A 119 6.06 -16.76 -2.53
C GLY A 119 7.08 -17.81 -2.92
N ILE A 120 8.37 -17.52 -2.76
CA ILE A 120 9.40 -18.50 -3.04
C ILE A 120 9.67 -19.39 -1.83
N ALA A 121 9.56 -18.86 -0.61
CA ALA A 121 9.87 -19.59 0.60
C ALA A 121 8.62 -20.14 1.30
N LEU A 122 7.42 -19.86 0.79
CA LEU A 122 6.19 -20.33 1.42
C LEU A 122 6.07 -21.86 1.37
N PRO A 123 6.38 -22.52 0.24
CA PRO A 123 6.33 -24.00 0.26
C PRO A 123 7.20 -24.63 1.33
N GLU A 124 8.38 -24.05 1.59
CA GLU A 124 9.23 -24.57 2.65
C GLU A 124 8.76 -24.11 4.03
N LEU A 125 8.13 -22.94 4.12
CA LEU A 125 7.60 -22.47 5.40
C LEU A 125 6.40 -23.29 5.85
N LYS A 126 5.62 -23.81 4.90
CA LYS A 126 4.45 -24.62 5.27
C LYS A 126 4.87 -25.99 5.76
N LYS A 127 6.01 -26.50 5.30
CA LYS A 127 6.47 -27.81 5.74
C LYS A 127 6.88 -27.83 7.20
N THR A 128 7.17 -26.67 7.78
CA THR A 128 7.52 -26.57 9.20
C THR A 128 6.46 -25.83 10.02
N ASN A 129 5.39 -25.35 9.38
CA ASN A 129 4.35 -24.58 10.05
C ASN A 129 4.96 -23.40 10.81
N GLY A 130 5.88 -22.71 10.13
CA GLY A 130 6.67 -21.66 10.75
C GLY A 130 5.95 -20.34 10.84
N ASN A 131 6.75 -19.28 11.01
CA ASN A 131 6.24 -17.94 11.25
C ASN A 131 6.82 -16.97 10.23
N VAL A 132 6.01 -15.99 9.84
CA VAL A 132 6.42 -14.93 8.93
C VAL A 132 6.26 -13.61 9.67
N VAL A 133 7.37 -12.99 10.03
CA VAL A 133 7.37 -11.75 10.81
C VAL A 133 7.79 -10.61 9.90
N PHE A 134 6.89 -9.64 9.74
CA PHE A 134 7.17 -8.44 8.95
C PHE A 134 7.61 -7.31 9.86
N VAL A 135 8.66 -6.61 9.44
CA VAL A 135 9.15 -5.44 10.18
C VAL A 135 8.48 -4.22 9.57
N SER A 136 7.39 -3.77 10.20
CA SER A 136 6.61 -2.66 9.68
C SER A 136 7.13 -1.33 10.20
N SER A 137 6.26 -0.33 10.29
CA SER A 137 6.64 0.99 10.78
C SER A 137 5.40 1.69 11.30
N ASP A 138 5.63 2.71 12.14
CA ASP A 138 4.55 3.50 12.68
C ASP A 138 3.96 4.48 11.67
N ALA A 139 4.57 4.61 10.49
CA ALA A 139 4.12 5.55 9.47
C ALA A 139 2.97 5.00 8.63
N CYS A 140 2.47 3.80 8.94
CA CYS A 140 1.38 3.23 8.17
C CYS A 140 0.03 3.85 8.51
N ASN A 141 -0.12 4.42 9.71
CA ASN A 141 -1.35 5.08 10.10
C ASN A 141 -1.14 6.49 10.62
N MET A 142 0.11 6.95 10.76
CA MET A 142 0.42 8.29 11.19
C MET A 142 0.99 9.09 10.04
N TYR A 143 0.78 10.41 10.08
CA TYR A 143 1.29 11.28 9.03
C TYR A 143 2.74 11.67 9.33
N PHE A 144 3.58 11.62 8.30
CA PHE A 144 4.95 12.07 8.40
C PHE A 144 5.29 12.86 7.14
N SER A 145 5.90 14.03 7.33
CA SER A 145 6.17 14.92 6.21
C SER A 145 7.13 14.26 5.22
N SER A 146 6.75 14.30 3.94
CA SER A 146 7.54 13.75 2.83
C SER A 146 7.75 12.24 2.96
N TRP A 147 6.89 11.55 3.70
CA TRP A 147 6.92 10.10 3.82
C TRP A 147 5.75 9.45 3.09
N GLY A 148 5.28 10.07 2.00
CA GLY A 148 4.16 9.52 1.29
C GLY A 148 4.44 8.14 0.72
N ALA A 149 5.64 7.95 0.17
CA ALA A 149 6.01 6.65 -0.37
C ALA A 149 6.28 5.65 0.74
N TYR A 150 7.10 6.04 1.73
CA TYR A 150 7.48 5.12 2.79
C TYR A 150 6.31 4.82 3.74
N GLY A 151 5.43 5.80 3.95
CA GLY A 151 4.31 5.57 4.85
C GLY A 151 3.33 4.55 4.30
N SER A 152 2.85 4.78 3.08
CA SER A 152 1.99 3.81 2.40
C SER A 152 2.74 2.52 2.05
N SER A 153 4.07 2.54 2.09
CA SER A 153 4.83 1.31 1.84
C SER A 153 4.54 0.27 2.91
N LYS A 154 4.56 0.67 4.18
CA LYS A 154 4.32 -0.26 5.27
C LYS A 154 2.84 -0.56 5.44
N ALA A 155 1.96 0.36 5.03
CA ALA A 155 0.53 0.11 5.11
C ALA A 155 0.14 -1.08 4.23
N ALA A 156 0.76 -1.20 3.05
CA ALA A 156 0.52 -2.36 2.21
C ALA A 156 1.13 -3.62 2.82
N LEU A 157 2.23 -3.48 3.56
CA LEU A 157 2.81 -4.63 4.24
C LEU A 157 1.88 -5.15 5.34
N ASN A 158 1.18 -4.24 6.02
CA ASN A 158 0.22 -4.67 7.03
C ASN A 158 -0.92 -5.45 6.41
N HIS A 159 -1.34 -5.07 5.20
CA HIS A 159 -2.40 -5.82 4.53
C HIS A 159 -1.88 -7.16 4.02
N PHE A 160 -0.64 -7.20 3.53
CA PHE A 160 -0.06 -8.46 3.10
C PHE A 160 0.20 -9.39 4.28
N ALA A 161 0.42 -8.82 5.47
CA ALA A 161 0.57 -9.65 6.66
C ALA A 161 -0.77 -10.23 7.10
N MET A 162 -1.84 -9.44 6.99
CA MET A 162 -3.16 -9.91 7.38
C MET A 162 -3.71 -10.90 6.36
N THR A 163 -3.44 -10.67 5.07
CA THR A 163 -3.91 -11.60 4.04
C THR A 163 -3.19 -12.94 4.13
N LEU A 164 -1.88 -12.91 4.36
CA LEU A 164 -1.11 -14.16 4.44
C LEU A 164 -1.54 -14.99 5.64
N ALA A 165 -1.84 -14.34 6.77
CA ALA A 165 -2.25 -15.09 7.96
C ALA A 165 -3.67 -15.63 7.81
N ASN A 166 -4.51 -14.99 7.01
CA ASN A 166 -5.87 -15.46 6.80
C ASN A 166 -6.00 -16.44 5.63
N GLU A 167 -5.05 -16.42 4.70
CA GLU A 167 -5.14 -17.29 3.53
C GLU A 167 -4.58 -18.68 3.84
N GLU A 168 -3.29 -18.75 4.16
CA GLU A 168 -2.61 -20.00 4.48
C GLU A 168 -2.36 -20.02 5.99
N ARG A 169 -3.28 -20.64 6.73
CA ARG A 169 -3.18 -20.72 8.18
C ARG A 169 -2.16 -21.74 8.65
N GLN A 170 -1.56 -22.51 7.74
CA GLN A 170 -0.45 -23.38 8.13
C GLN A 170 0.70 -22.57 8.68
N VAL A 171 1.02 -21.45 8.04
CA VAL A 171 2.00 -20.51 8.54
C VAL A 171 1.27 -19.39 9.25
N LYS A 172 2.00 -18.63 10.06
CA LYS A 172 1.45 -17.50 10.80
C LYS A 172 2.22 -16.24 10.43
N ALA A 173 1.50 -15.16 10.17
CA ALA A 173 2.08 -13.90 9.75
C ALA A 173 1.79 -12.82 10.78
N ILE A 174 2.73 -11.89 10.93
CA ILE A 174 2.58 -10.76 11.85
C ILE A 174 3.41 -9.60 11.33
N ALA A 175 2.98 -8.39 11.67
CA ALA A 175 3.68 -7.16 11.29
C ALA A 175 3.80 -6.29 12.53
N VAL A 176 5.03 -6.08 13.00
CA VAL A 176 5.30 -5.36 14.23
C VAL A 176 6.23 -4.20 13.91
N ALA A 177 5.85 -2.99 14.38
CA ALA A 177 6.65 -1.78 14.16
C ALA A 177 7.70 -1.65 15.27
N PRO A 178 8.95 -1.33 14.93
CA PRO A 178 10.00 -1.24 15.95
C PRO A 178 10.04 0.09 16.69
N GLY A 179 9.17 1.04 16.36
CA GLY A 179 9.22 2.34 16.98
C GLY A 179 10.24 3.23 16.28
N ILE A 180 11.07 3.91 17.05
CA ILE A 180 12.13 4.76 16.53
C ILE A 180 13.44 4.20 17.06
N VAL A 181 14.28 3.71 16.14
CA VAL A 181 15.50 2.99 16.51
C VAL A 181 16.70 3.78 16.01
N ASP A 182 17.78 3.75 16.80
CA ASP A 182 19.02 4.45 16.47
C ASP A 182 19.78 3.64 15.42
N THR A 183 19.31 3.76 14.17
CA THR A 183 19.96 3.15 13.02
C THR A 183 20.54 4.24 12.12
N ASP A 184 20.98 3.82 10.93
CA ASP A 184 21.42 4.77 9.91
C ASP A 184 20.25 5.45 9.20
N MET A 185 19.02 4.94 9.37
CA MET A 185 17.87 5.62 8.79
C MET A 185 17.60 6.94 9.49
N GLN A 186 17.60 6.92 10.83
CA GLN A 186 17.46 8.17 11.57
C GLN A 186 18.63 9.11 11.33
N VAL A 187 19.80 8.55 11.01
CA VAL A 187 20.93 9.38 10.62
C VAL A 187 20.62 10.08 9.29
N ASN A 188 19.99 9.36 8.36
CA ASN A 188 19.59 9.97 7.09
C ASN A 188 18.49 11.01 7.30
N ILE A 189 17.64 10.82 8.30
CA ILE A 189 16.56 11.75 8.58
C ILE A 189 17.10 13.02 9.22
N ARG A 190 18.17 12.91 9.99
CA ARG A 190 18.67 14.05 10.75
C ARG A 190 19.68 14.89 9.99
N GLU A 191 20.46 14.28 9.10
CA GLU A 191 21.58 14.98 8.47
C GLU A 191 21.49 15.06 6.94
N ASN A 192 20.42 14.57 6.32
CA ASN A 192 20.32 14.57 4.88
C ASN A 192 18.92 14.93 4.42
N VAL A 193 18.02 13.92 4.36
CA VAL A 193 16.68 14.14 3.83
C VAL A 193 15.81 14.99 4.73
N GLY A 194 16.26 15.28 5.95
CA GLY A 194 15.49 16.08 6.88
C GLY A 194 15.44 17.55 6.52
N PRO A 195 16.59 18.24 6.63
CA PRO A 195 16.59 19.69 6.34
C PRO A 195 16.29 20.04 4.90
N SER A 196 16.31 19.07 3.98
CA SER A 196 16.06 19.37 2.58
C SER A 196 14.57 19.47 2.28
N SER A 197 13.83 18.38 2.48
CA SER A 197 12.42 18.32 2.10
C SER A 197 11.47 18.20 3.28
N MET A 198 11.90 17.62 4.40
CA MET A 198 11.03 17.47 5.55
C MET A 198 10.73 18.83 6.18
N SER A 199 9.65 18.89 6.93
CA SER A 199 9.18 20.13 7.54
C SER A 199 10.00 20.41 8.81
N ALA A 200 9.57 21.41 9.58
CA ALA A 200 10.31 21.84 10.76
C ALA A 200 9.83 21.19 12.05
N GLU A 201 8.54 20.89 12.15
CA GLU A 201 8.01 20.32 13.39
C GLU A 201 8.50 18.90 13.60
N GLN A 202 8.33 18.04 12.60
CA GLN A 202 8.75 16.64 12.74
C GLN A 202 10.26 16.48 12.70
N LEU A 203 10.98 17.41 12.09
CA LEU A 203 12.44 17.29 12.04
C LEU A 203 13.05 17.44 13.42
N LYS A 204 12.71 18.53 14.13
CA LYS A 204 13.24 18.73 15.47
C LYS A 204 12.79 17.65 16.45
N MET A 205 11.73 16.91 16.12
CA MET A 205 11.35 15.77 16.94
C MET A 205 12.32 14.61 16.76
N PHE A 206 12.62 14.26 15.50
CA PHE A 206 13.54 13.16 15.24
C PHE A 206 14.96 13.47 15.69
N ARG A 207 15.33 14.75 15.80
CA ARG A 207 16.64 15.13 16.30
C ARG A 207 16.64 15.36 17.81
N GLY A 208 15.56 15.95 18.33
CA GLY A 208 15.43 16.12 19.77
C GLY A 208 15.31 14.82 20.54
N LEU A 209 14.82 13.76 19.88
CA LEU A 209 14.72 12.45 20.50
C LEU A 209 16.06 11.73 20.59
N LYS A 210 17.12 12.29 20.00
CA LYS A 210 18.45 11.68 20.06
C LYS A 210 19.34 12.33 21.10
N GLU A 211 19.39 13.67 21.14
CA GLU A 211 20.24 14.35 22.10
C GLU A 211 19.78 14.11 23.53
N ASN A 212 18.48 13.89 23.73
CA ASN A 212 17.92 13.57 25.02
C ASN A 212 17.89 12.07 25.31
N ASN A 213 18.36 11.25 24.36
CA ASN A 213 18.60 9.82 24.57
C ASN A 213 17.30 9.02 24.75
N GLN A 214 16.33 9.24 23.87
CA GLN A 214 15.13 8.40 23.82
C GLN A 214 15.04 7.61 22.52
N LEU A 215 16.17 7.40 21.85
CA LEU A 215 16.21 6.56 20.66
C LEU A 215 16.62 5.15 21.07
N LEU A 216 15.83 4.16 20.66
CA LEU A 216 16.08 2.79 21.04
C LEU A 216 17.33 2.26 20.35
N ASP A 217 18.11 1.47 21.09
CA ASP A 217 19.23 0.76 20.49
C ASP A 217 18.70 -0.30 19.52
N SER A 218 19.55 -0.70 18.58
CA SER A 218 19.13 -1.62 17.53
C SER A 218 18.75 -2.99 18.07
N SER A 219 19.17 -3.33 19.28
CA SER A 219 18.89 -4.64 19.86
C SER A 219 17.62 -4.68 20.69
N VAL A 220 17.00 -3.55 20.98
CA VAL A 220 15.79 -3.51 21.81
C VAL A 220 14.61 -4.07 21.02
N PRO A 221 14.31 -3.59 19.81
CA PRO A 221 13.22 -4.21 19.04
C PRO A 221 13.64 -5.46 18.29
N ALA A 222 14.93 -5.62 17.99
CA ALA A 222 15.40 -6.83 17.31
C ALA A 222 15.17 -8.07 18.15
N THR A 223 15.14 -7.91 19.48
CA THR A 223 14.84 -9.05 20.35
C THR A 223 13.40 -9.51 20.18
N VAL A 224 12.49 -8.60 19.83
CA VAL A 224 11.09 -8.98 19.62
C VAL A 224 10.95 -9.79 18.34
N TYR A 225 11.57 -9.32 17.25
CA TYR A 225 11.54 -10.07 16.00
C TYR A 225 12.27 -11.40 16.12
N ALA A 226 13.28 -11.46 16.99
CA ALA A 226 14.04 -12.70 17.14
C ALA A 226 13.23 -13.77 17.85
N LYS A 227 12.61 -13.41 18.98
CA LYS A 227 11.82 -14.38 19.73
C LYS A 227 10.55 -14.78 18.98
N LEU A 228 9.96 -13.84 18.23
CA LEU A 228 8.82 -14.20 17.39
C LEU A 228 9.21 -15.18 16.31
N ALA A 229 10.45 -15.10 15.82
CA ALA A 229 10.96 -16.01 14.82
C ALA A 229 11.54 -17.29 15.41
N LEU A 230 11.77 -17.32 16.73
CA LEU A 230 12.39 -18.47 17.38
C LEU A 230 11.38 -19.35 18.12
N HIS A 231 10.41 -18.75 18.80
CA HIS A 231 9.41 -19.51 19.54
C HIS A 231 8.08 -19.60 18.82
N GLY A 232 7.70 -18.59 18.04
CA GLY A 232 6.44 -18.63 17.31
C GLY A 232 5.55 -17.45 17.58
N ILE A 233 4.57 -17.23 16.72
CA ILE A 233 3.62 -16.13 16.86
C ILE A 233 2.40 -16.64 17.63
N PRO A 234 1.90 -15.91 18.62
CA PRO A 234 0.67 -16.33 19.31
C PRO A 234 -0.51 -16.37 18.36
N ASP A 235 -1.55 -17.11 18.77
CA ASP A 235 -2.72 -17.28 17.92
C ASP A 235 -3.63 -16.06 17.94
N GLY A 236 -3.72 -15.37 19.08
CA GLY A 236 -4.61 -14.22 19.19
C GLY A 236 -4.14 -12.98 18.46
N VAL A 237 -2.88 -12.94 18.03
CA VAL A 237 -2.32 -11.78 17.35
C VAL A 237 -1.85 -12.13 15.94
N ASN A 238 -2.30 -13.28 15.42
CA ASN A 238 -1.89 -13.70 14.09
C ASN A 238 -2.54 -12.82 13.04
N GLY A 239 -1.71 -12.08 12.28
CA GLY A 239 -2.19 -11.22 11.23
C GLY A 239 -2.39 -9.76 11.62
N GLN A 240 -2.38 -9.46 12.91
CA GLN A 240 -2.58 -8.10 13.37
C GLN A 240 -1.32 -7.26 13.14
N TYR A 241 -1.47 -5.95 13.30
CA TYR A 241 -0.36 -5.01 13.28
C TYR A 241 -0.22 -4.41 14.67
N LEU A 242 0.93 -4.62 15.29
CA LEU A 242 1.21 -4.11 16.62
C LEU A 242 2.58 -3.43 16.62
N SER A 243 2.99 -2.97 17.79
CA SER A 243 4.31 -2.40 18.00
C SER A 243 5.12 -3.28 18.94
N TYR A 244 6.43 -3.02 18.99
CA TYR A 244 7.32 -3.88 19.74
C TYR A 244 6.99 -3.88 21.23
N ASN A 245 6.48 -2.77 21.76
CA ASN A 245 6.18 -2.65 23.18
C ASN A 245 4.71 -2.90 23.50
N ASP A 246 4.01 -3.63 22.63
CA ASP A 246 2.62 -3.95 22.91
C ASP A 246 2.54 -5.00 24.02
N PRO A 247 1.61 -4.86 24.96
CA PRO A 247 1.50 -5.85 26.05
C PRO A 247 1.27 -7.27 25.58
N ALA A 248 0.69 -7.45 24.38
CA ALA A 248 0.52 -8.80 23.86
C ALA A 248 1.86 -9.44 23.49
N LEU A 249 2.86 -8.62 23.19
CA LEU A 249 4.20 -9.10 22.87
C LEU A 249 5.17 -8.91 24.03
N ALA A 250 4.66 -8.88 25.26
CA ALA A 250 5.53 -8.70 26.41
C ALA A 250 6.43 -9.91 26.64
N ASP A 251 6.01 -11.09 26.20
CA ASP A 251 6.81 -12.30 26.33
C ASP A 251 7.93 -12.39 25.29
N PHE A 252 8.14 -11.33 24.51
CA PHE A 252 9.19 -11.30 23.51
C PHE A 252 10.17 -10.14 23.75
N MET A 253 10.07 -9.46 24.88
CA MET A 253 10.96 -8.37 25.22
C MET A 253 12.25 -8.90 25.82
N PRO A 254 13.35 -8.13 25.73
CA PRO A 254 14.63 -8.52 26.34
C PRO A 254 14.53 -8.79 27.84
N MET B 1 -17.92 30.05 -15.88
CA MET B 1 -19.03 29.22 -15.45
C MET B 1 -18.73 28.57 -14.10
N GLY B 2 -19.13 27.30 -13.96
CA GLY B 2 -18.97 26.59 -12.71
C GLY B 2 -17.64 25.90 -12.54
N LYS B 3 -17.65 24.70 -11.96
CA LYS B 3 -16.44 23.97 -11.66
C LYS B 3 -16.13 22.93 -12.74
N VAL B 4 -14.86 22.55 -12.81
CA VAL B 4 -14.38 21.54 -13.76
C VAL B 4 -13.89 20.34 -12.97
N ILE B 5 -14.41 19.16 -13.31
CA ILE B 5 -14.10 17.92 -12.59
C ILE B 5 -13.35 16.99 -13.54
N LEU B 6 -12.39 16.26 -12.98
CA LEU B 6 -11.64 15.24 -13.71
C LEU B 6 -11.95 13.88 -13.09
N VAL B 7 -12.60 13.01 -13.86
CA VAL B 7 -13.00 11.69 -13.40
C VAL B 7 -12.31 10.65 -14.26
N THR B 8 -11.71 9.64 -13.61
CA THR B 8 -11.06 8.54 -14.30
C THR B 8 -12.00 7.35 -14.40
N GLY B 9 -11.71 6.48 -15.37
CA GLY B 9 -12.51 5.29 -15.59
C GLY B 9 -13.98 5.58 -15.84
N VAL B 10 -14.27 6.41 -16.85
CA VAL B 10 -15.63 6.87 -17.11
C VAL B 10 -16.32 5.97 -18.12
N SER B 11 -15.94 4.68 -18.14
CA SER B 11 -16.53 3.72 -19.06
C SER B 11 -17.57 2.84 -18.39
N ARG B 12 -17.17 2.04 -17.40
CA ARG B 12 -18.02 1.05 -16.79
C ARG B 12 -18.35 1.42 -15.35
N GLY B 13 -19.42 0.81 -14.84
CA GLY B 13 -19.68 0.80 -13.41
C GLY B 13 -19.89 2.18 -12.83
N ILE B 14 -19.10 2.49 -11.80
CA ILE B 14 -19.32 3.70 -11.01
C ILE B 14 -18.84 4.94 -11.75
N GLY B 15 -17.70 4.84 -12.45
CA GLY B 15 -17.13 6.01 -13.11
C GLY B 15 -18.07 6.64 -14.11
N LYS B 16 -18.81 5.82 -14.86
CA LYS B 16 -19.81 6.36 -15.78
C LYS B 16 -20.96 6.98 -15.01
N SER B 17 -21.35 6.38 -13.88
CA SER B 17 -22.47 6.90 -13.10
C SER B 17 -22.13 8.20 -12.41
N ILE B 18 -20.85 8.41 -12.08
CA ILE B 18 -20.44 9.70 -11.50
C ILE B 18 -20.66 10.82 -12.50
N VAL B 19 -20.39 10.55 -13.77
CA VAL B 19 -20.61 11.55 -14.82
C VAL B 19 -22.10 11.86 -14.94
N ASP B 20 -22.94 10.84 -14.85
CA ASP B 20 -24.38 11.05 -14.96
C ASP B 20 -24.93 11.87 -13.79
N VAL B 21 -24.35 11.71 -12.60
CA VAL B 21 -24.84 12.44 -11.43
C VAL B 21 -24.32 13.87 -11.43
N LEU B 22 -23.08 14.08 -11.87
CA LEU B 22 -22.51 15.42 -11.90
C LEU B 22 -23.33 16.35 -12.78
N PHE B 23 -23.74 15.87 -13.95
CA PHE B 23 -24.62 16.64 -14.82
C PHE B 23 -26.07 16.63 -14.35
N SER B 24 -26.43 15.73 -13.42
CA SER B 24 -27.79 15.66 -12.93
C SER B 24 -28.10 16.72 -11.88
N LEU B 25 -27.09 17.22 -11.18
CA LEU B 25 -27.28 18.20 -10.11
C LEU B 25 -26.78 19.59 -10.47
N ASP B 26 -26.15 19.77 -11.62
CA ASP B 26 -25.59 21.06 -12.01
C ASP B 26 -25.70 21.23 -13.52
N LYS B 27 -25.65 22.48 -13.95
CA LYS B 27 -25.68 22.81 -15.36
C LYS B 27 -24.46 23.61 -15.81
N ASP B 28 -23.57 23.98 -14.88
CA ASP B 28 -22.32 24.66 -15.21
C ASP B 28 -21.12 23.75 -15.14
N THR B 29 -21.27 22.52 -14.64
CA THR B 29 -20.15 21.62 -14.47
C THR B 29 -19.78 20.95 -15.79
N VAL B 30 -18.48 20.90 -16.07
CA VAL B 30 -17.94 20.22 -17.24
C VAL B 30 -16.95 19.16 -16.76
N VAL B 31 -17.10 17.94 -17.26
CA VAL B 31 -16.34 16.78 -16.79
C VAL B 31 -15.35 16.38 -17.88
N TYR B 32 -14.10 16.16 -17.48
CA TYR B 32 -13.04 15.69 -18.37
C TYR B 32 -12.70 14.25 -17.95
N GLY B 33 -13.16 13.28 -18.74
CA GLY B 33 -12.95 11.88 -18.43
C GLY B 33 -11.78 11.26 -19.16
N VAL B 34 -11.43 10.05 -18.75
CA VAL B 34 -10.34 9.30 -19.34
C VAL B 34 -10.60 7.81 -19.15
N ALA B 35 -10.37 7.04 -20.21
CA ALA B 35 -10.57 5.59 -20.19
C ALA B 35 -10.01 5.00 -21.47
N ARG B 36 -9.88 3.67 -21.49
CA ARG B 36 -9.27 2.96 -22.61
C ARG B 36 -10.26 2.50 -23.66
N SER B 37 -11.57 2.54 -23.36
CA SER B 37 -12.60 2.06 -24.27
C SER B 37 -13.26 3.27 -24.93
N GLU B 38 -13.05 3.42 -26.24
CA GLU B 38 -13.61 4.56 -26.97
C GLU B 38 -15.11 4.40 -27.23
N ALA B 39 -15.64 3.18 -27.13
CA ALA B 39 -17.06 2.98 -27.43
C ALA B 39 -17.97 3.70 -26.44
N PRO B 40 -17.84 3.54 -25.11
CA PRO B 40 -18.74 4.26 -24.20
C PRO B 40 -18.38 5.73 -24.02
N LEU B 41 -17.19 6.15 -24.43
CA LEU B 41 -16.82 7.56 -24.27
C LEU B 41 -17.40 8.42 -25.39
N LYS B 42 -17.32 7.94 -26.63
CA LYS B 42 -17.93 8.67 -27.74
C LYS B 42 -19.45 8.74 -27.63
N LYS B 43 -20.06 7.83 -26.86
CA LYS B 43 -21.49 7.89 -26.63
C LYS B 43 -21.84 8.96 -25.61
N LEU B 44 -21.00 9.12 -24.56
CA LEU B 44 -21.21 10.19 -23.60
C LEU B 44 -20.99 11.57 -24.19
N LYS B 45 -20.20 11.66 -25.28
CA LYS B 45 -19.95 12.94 -25.91
C LYS B 45 -21.20 13.47 -26.61
N GLU B 46 -21.97 12.59 -27.23
CA GLU B 46 -23.18 12.98 -27.95
C GLU B 46 -24.41 13.06 -27.05
N LYS B 47 -24.28 12.71 -25.77
CA LYS B 47 -25.40 12.82 -24.84
C LYS B 47 -25.41 14.17 -24.12
N TYR B 48 -24.23 14.70 -23.78
CA TYR B 48 -24.14 15.96 -23.05
C TYR B 48 -23.50 17.08 -23.85
N GLY B 49 -22.71 16.77 -24.88
CA GLY B 49 -22.17 17.79 -25.75
C GLY B 49 -20.96 18.52 -25.21
N ASP B 50 -21.05 19.85 -25.14
CA ASP B 50 -19.93 20.69 -24.71
C ASP B 50 -19.74 20.69 -23.19
N ARG B 51 -20.48 19.85 -22.46
CA ARG B 51 -20.26 19.68 -21.04
C ARG B 51 -19.35 18.50 -20.72
N PHE B 52 -18.92 17.74 -21.73
CA PHE B 52 -18.12 16.55 -21.51
C PHE B 52 -16.97 16.50 -22.50
N PHE B 53 -15.79 16.16 -22.01
CA PHE B 53 -14.62 15.92 -22.84
C PHE B 53 -13.91 14.68 -22.31
N TYR B 54 -13.24 13.96 -23.20
CA TYR B 54 -12.67 12.67 -22.86
C TYR B 54 -11.29 12.51 -23.49
N VAL B 55 -10.49 11.62 -22.90
CA VAL B 55 -9.19 11.23 -23.42
C VAL B 55 -9.14 9.71 -23.44
N VAL B 56 -8.87 9.14 -24.61
CA VAL B 56 -8.84 7.68 -24.77
C VAL B 56 -7.40 7.22 -24.58
N GLY B 57 -7.19 6.36 -23.59
CA GLY B 57 -5.87 5.85 -23.30
C GLY B 57 -5.79 5.31 -21.89
N ASP B 58 -4.72 4.57 -21.63
CA ASP B 58 -4.49 3.97 -20.31
C ASP B 58 -3.81 4.96 -19.39
N ILE B 59 -4.22 4.94 -18.11
CA ILE B 59 -3.66 5.87 -17.13
C ILE B 59 -2.27 5.46 -16.65
N THR B 60 -1.77 4.30 -17.06
CA THR B 60 -0.42 3.90 -16.68
C THR B 60 0.64 4.75 -17.38
N GLU B 61 0.32 5.29 -18.55
CA GLU B 61 1.22 6.14 -19.30
C GLU B 61 0.99 7.60 -18.90
N ASP B 62 2.07 8.30 -18.58
CA ASP B 62 1.96 9.71 -18.19
C ASP B 62 1.54 10.60 -19.35
N SER B 63 1.74 10.14 -20.59
CA SER B 63 1.31 10.94 -21.74
C SER B 63 -0.21 11.07 -21.80
N VAL B 64 -0.93 10.11 -21.21
CA VAL B 64 -2.39 10.20 -21.16
C VAL B 64 -2.83 11.08 -20.00
N LEU B 65 -2.11 11.02 -18.87
CA LEU B 65 -2.46 11.86 -17.73
C LEU B 65 -2.23 13.33 -18.04
N LYS B 66 -1.11 13.65 -18.68
CA LYS B 66 -0.85 15.04 -19.05
C LYS B 66 -1.80 15.53 -20.13
N GLN B 67 -2.21 14.64 -21.03
CA GLN B 67 -3.15 15.05 -22.08
C GLN B 67 -4.54 15.34 -21.51
N LEU B 68 -4.88 14.71 -20.38
CA LEU B 68 -6.17 15.00 -19.74
C LEU B 68 -6.13 16.29 -18.95
N VAL B 69 -5.00 16.55 -18.26
CA VAL B 69 -4.89 17.76 -17.45
C VAL B 69 -4.71 18.98 -18.34
N ASN B 70 -3.85 18.89 -19.35
CA ASN B 70 -3.62 20.03 -20.24
C ASN B 70 -4.86 20.38 -21.04
N ALA B 71 -5.68 19.38 -21.38
CA ALA B 71 -6.92 19.67 -22.10
C ALA B 71 -7.93 20.39 -21.21
N ALA B 72 -7.84 20.19 -19.90
CA ALA B 72 -8.78 20.83 -18.98
C ALA B 72 -8.44 22.29 -18.71
N VAL B 73 -7.22 22.72 -19.02
CA VAL B 73 -6.81 24.09 -18.75
C VAL B 73 -6.82 24.90 -20.05
N LYS B 74 -6.50 24.26 -21.17
CA LYS B 74 -6.65 24.93 -22.45
C LYS B 74 -8.10 25.02 -22.89
N GLY B 75 -9.00 24.28 -22.25
CA GLY B 75 -10.41 24.34 -22.57
C GLY B 75 -11.19 25.24 -21.64
N HIS B 76 -11.00 25.07 -20.33
CA HIS B 76 -11.74 25.84 -19.34
C HIS B 76 -10.86 26.62 -18.37
N GLY B 77 -9.55 26.40 -18.37
CA GLY B 77 -8.64 27.24 -17.63
C GLY B 77 -8.39 26.85 -16.18
N LYS B 78 -9.05 25.81 -15.68
CA LYS B 78 -8.89 25.45 -14.27
C LYS B 78 -9.34 24.02 -14.05
N ILE B 79 -8.90 23.47 -12.92
CA ILE B 79 -9.33 22.15 -12.44
C ILE B 79 -9.77 22.33 -11.00
N ASP B 80 -11.02 21.95 -10.70
CA ASP B 80 -11.60 22.17 -9.39
C ASP B 80 -11.73 20.91 -8.54
N SER B 81 -11.68 19.73 -9.15
CA SER B 81 -11.79 18.50 -8.38
C SER B 81 -11.04 17.40 -9.11
N LEU B 82 -10.85 16.27 -8.42
CA LEU B 82 -10.21 15.10 -8.99
C LEU B 82 -10.89 13.86 -8.43
N VAL B 83 -11.53 13.10 -9.30
CA VAL B 83 -12.21 11.86 -8.93
C VAL B 83 -11.39 10.72 -9.48
N ALA B 84 -10.72 9.98 -8.59
CA ALA B 84 -9.89 8.84 -8.98
C ALA B 84 -10.74 7.58 -8.86
N ASN B 85 -11.56 7.35 -9.88
CA ASN B 85 -12.43 6.18 -9.93
C ASN B 85 -11.97 5.21 -11.01
N ALA B 86 -10.76 4.66 -10.84
CA ALA B 86 -10.20 3.72 -11.80
C ALA B 86 -9.45 2.64 -11.05
N GLY B 87 -9.91 1.40 -11.19
CA GLY B 87 -9.28 0.29 -10.50
C GLY B 87 -9.49 -1.00 -11.26
N VAL B 88 -8.69 -2.00 -10.88
CA VAL B 88 -8.76 -3.33 -11.47
C VAL B 88 -8.68 -4.35 -10.34
N LEU B 89 -9.41 -5.45 -10.49
CA LEU B 89 -9.43 -6.50 -9.48
C LEU B 89 -8.36 -7.56 -9.73
N GLU B 90 -8.19 -7.99 -10.97
CA GLU B 90 -7.15 -8.94 -11.30
C GLU B 90 -5.77 -8.32 -11.07
N PRO B 91 -4.78 -9.12 -10.64
CA PRO B 91 -4.87 -10.57 -10.46
C PRO B 91 -5.44 -11.01 -9.12
N VAL B 92 -6.44 -11.88 -9.18
CA VAL B 92 -6.95 -12.57 -8.00
C VAL B 92 -6.29 -13.94 -7.96
N GLN B 93 -5.52 -14.22 -6.92
CA GLN B 93 -4.74 -15.45 -6.87
C GLN B 93 -4.39 -15.75 -5.41
N ASN B 94 -3.91 -16.97 -5.19
CA ASN B 94 -3.53 -17.42 -3.86
C ASN B 94 -2.11 -16.97 -3.53
N VAL B 95 -1.79 -16.99 -2.23
CA VAL B 95 -0.44 -16.65 -1.79
C VAL B 95 0.57 -17.65 -2.32
N ASN B 96 0.15 -18.90 -2.53
CA ASN B 96 1.02 -19.92 -3.11
C ASN B 96 1.13 -19.81 -4.63
N GLU B 97 0.37 -18.90 -5.25
CA GLU B 97 0.39 -18.70 -6.70
C GLU B 97 0.45 -17.20 -7.00
N ILE B 98 1.50 -16.56 -6.50
CA ILE B 98 1.67 -15.11 -6.60
C ILE B 98 2.53 -14.78 -7.81
N ASP B 99 2.05 -13.86 -8.64
CA ASP B 99 2.81 -13.32 -9.77
C ASP B 99 3.12 -11.86 -9.44
N VAL B 100 4.40 -11.57 -9.24
CA VAL B 100 4.80 -10.22 -8.81
C VAL B 100 4.64 -9.22 -9.93
N ASN B 101 4.98 -9.61 -11.16
CA ASN B 101 4.82 -8.71 -12.29
C ASN B 101 3.35 -8.36 -12.52
N ALA B 102 2.45 -9.31 -12.25
CA ALA B 102 1.02 -9.03 -12.35
C ALA B 102 0.52 -8.22 -11.15
N TRP B 103 1.18 -8.35 -9.99
CA TRP B 103 0.80 -7.53 -8.84
C TRP B 103 1.18 -6.07 -9.05
N LYS B 104 2.28 -5.81 -9.75
CA LYS B 104 2.70 -4.43 -9.99
C LYS B 104 1.74 -3.70 -10.92
N LYS B 105 1.29 -4.37 -11.98
CA LYS B 105 0.40 -3.73 -12.95
C LYS B 105 -0.91 -3.30 -12.29
N LEU B 106 -1.37 -4.02 -11.27
CA LEU B 106 -2.50 -3.54 -10.48
C LEU B 106 -2.13 -2.27 -9.74
N TYR B 107 -0.95 -2.25 -9.11
CA TYR B 107 -0.50 -1.05 -8.40
C TYR B 107 -0.27 0.11 -9.36
N ASP B 108 0.18 -0.17 -10.58
CA ASP B 108 0.39 0.88 -11.57
C ASP B 108 -0.91 1.39 -12.16
N ILE B 109 -2.05 0.79 -11.81
CA ILE B 109 -3.36 1.24 -12.25
C ILE B 109 -4.15 1.85 -11.09
N ASN B 110 -4.14 1.18 -9.94
CA ASN B 110 -4.91 1.61 -8.79
C ASN B 110 -4.15 2.53 -7.85
N PHE B 111 -2.83 2.62 -7.99
CA PHE B 111 -2.04 3.42 -7.04
C PHE B 111 -1.05 4.31 -7.77
N PHE B 112 -0.14 3.71 -8.55
CA PHE B 112 0.92 4.49 -9.18
C PHE B 112 0.39 5.41 -10.27
N SER B 113 -0.74 5.04 -10.90
CA SER B 113 -1.35 5.94 -11.87
C SER B 113 -2.05 7.11 -11.18
N ILE B 114 -2.54 6.90 -9.96
CA ILE B 114 -3.22 7.97 -9.24
C ILE B 114 -2.21 8.95 -8.65
N VAL B 115 -1.14 8.43 -8.02
CA VAL B 115 -0.13 9.32 -7.45
C VAL B 115 0.61 10.08 -8.55
N SER B 116 0.62 9.57 -9.78
CA SER B 116 1.22 10.32 -10.88
C SER B 116 0.29 11.45 -11.33
N LEU B 117 -1.01 11.20 -11.33
CA LEU B 117 -1.96 12.20 -11.82
C LEU B 117 -2.15 13.33 -10.81
N VAL B 118 -2.05 13.05 -9.52
CA VAL B 118 -2.28 14.08 -8.51
C VAL B 118 -1.21 15.16 -8.60
N GLY B 119 0.05 14.75 -8.86
CA GLY B 119 1.13 15.72 -8.93
C GLY B 119 1.15 16.51 -10.20
N ILE B 120 0.72 15.90 -11.32
CA ILE B 120 0.65 16.63 -12.58
C ILE B 120 -0.44 17.71 -12.50
N ALA B 121 -1.54 17.40 -11.82
CA ALA B 121 -2.64 18.33 -11.66
C ALA B 121 -2.58 19.14 -10.38
N LEU B 122 -1.59 18.88 -9.52
CA LEU B 122 -1.49 19.64 -8.27
C LEU B 122 -1.30 21.13 -8.47
N PRO B 123 -0.48 21.62 -9.41
CA PRO B 123 -0.40 23.08 -9.60
C PRO B 123 -1.75 23.71 -9.94
N GLU B 124 -2.64 22.97 -10.62
CA GLU B 124 -3.96 23.49 -10.92
C GLU B 124 -4.96 23.27 -9.80
N LEU B 125 -4.79 22.20 -9.01
CA LEU B 125 -5.71 21.94 -7.90
C LEU B 125 -5.56 22.96 -6.78
N LYS B 126 -4.34 23.44 -6.56
CA LYS B 126 -4.10 24.40 -5.47
C LYS B 126 -4.59 25.80 -5.83
N LYS B 127 -4.64 26.13 -7.13
CA LYS B 127 -5.11 27.45 -7.53
C LYS B 127 -6.61 27.62 -7.30
N THR B 128 -7.35 26.53 -7.13
CA THR B 128 -8.79 26.58 -6.94
C THR B 128 -9.24 26.00 -5.60
N ASN B 129 -8.29 25.64 -4.73
CA ASN B 129 -8.60 24.98 -3.46
C ASN B 129 -9.45 23.74 -3.70
N GLY B 130 -8.98 22.89 -4.62
CA GLY B 130 -9.75 21.77 -5.09
C GLY B 130 -9.88 20.65 -4.07
N ASN B 131 -10.67 19.65 -4.47
CA ASN B 131 -10.94 18.49 -3.64
C ASN B 131 -10.63 17.23 -4.42
N VAL B 132 -9.67 16.44 -3.94
CA VAL B 132 -9.28 15.19 -4.58
C VAL B 132 -10.03 14.06 -3.92
N VAL B 133 -10.88 13.38 -4.69
CA VAL B 133 -11.72 12.30 -4.19
C VAL B 133 -11.14 10.97 -4.64
N PHE B 134 -10.81 10.11 -3.68
CA PHE B 134 -10.27 8.79 -3.96
C PHE B 134 -11.36 7.74 -3.75
N VAL B 135 -11.52 6.84 -4.71
CA VAL B 135 -12.49 5.76 -4.63
C VAL B 135 -11.74 4.52 -4.14
N SER B 136 -11.88 4.22 -2.86
CA SER B 136 -11.21 3.08 -2.25
C SER B 136 -12.17 1.90 -2.18
N SER B 137 -11.92 0.97 -1.26
CA SER B 137 -12.73 -0.23 -1.14
C SER B 137 -12.72 -0.73 0.30
N ASP B 138 -13.67 -1.62 0.60
CA ASP B 138 -13.74 -2.22 1.93
C ASP B 138 -12.58 -3.17 2.19
N ALA B 139 -11.88 -3.60 1.15
CA ALA B 139 -10.78 -4.55 1.30
C ALA B 139 -9.54 -3.95 1.95
N CYS B 140 -9.54 -2.64 2.24
CA CYS B 140 -8.39 -2.03 2.88
C CYS B 140 -8.29 -2.45 4.35
N ASN B 141 -9.43 -2.75 4.99
CA ASN B 141 -9.46 -3.18 6.38
C ASN B 141 -9.80 -4.65 6.53
N MET B 142 -10.91 -5.10 5.96
CA MET B 142 -11.35 -6.48 6.09
C MET B 142 -10.54 -7.39 5.16
N TYR B 143 -10.61 -8.69 5.44
CA TYR B 143 -9.93 -9.69 4.63
C TYR B 143 -10.87 -10.23 3.57
N PHE B 144 -10.35 -10.39 2.35
CA PHE B 144 -11.06 -11.02 1.26
C PHE B 144 -10.18 -12.08 0.64
N SER B 145 -10.76 -13.25 0.39
CA SER B 145 -9.98 -14.39 -0.07
C SER B 145 -9.38 -14.12 -1.45
N SER B 146 -8.07 -14.32 -1.56
CA SER B 146 -7.30 -14.18 -2.80
C SER B 146 -7.30 -12.77 -3.35
N TRP B 147 -7.80 -11.80 -2.60
CA TRP B 147 -7.73 -10.38 -3.01
C TRP B 147 -6.44 -9.74 -2.51
N GLY B 148 -5.32 -10.40 -2.79
CA GLY B 148 -4.03 -9.96 -2.29
C GLY B 148 -3.58 -8.61 -2.80
N ALA B 149 -3.46 -8.48 -4.12
CA ALA B 149 -2.97 -7.22 -4.69
C ALA B 149 -4.02 -6.12 -4.63
N TYR B 150 -5.29 -6.48 -4.80
CA TYR B 150 -6.35 -5.46 -4.81
C TYR B 150 -6.56 -4.87 -3.43
N GLY B 151 -6.70 -5.71 -2.41
CA GLY B 151 -6.92 -5.22 -1.07
C GLY B 151 -5.76 -4.42 -0.51
N SER B 152 -4.53 -4.78 -0.90
CA SER B 152 -3.35 -4.08 -0.41
C SER B 152 -3.10 -2.77 -1.14
N SER B 153 -3.57 -2.65 -2.37
CA SER B 153 -3.40 -1.40 -3.13
C SER B 153 -4.34 -0.31 -2.61
N LYS B 154 -5.54 -0.69 -2.19
CA LYS B 154 -6.45 0.28 -1.57
C LYS B 154 -5.92 0.77 -0.23
N ALA B 155 -5.19 -0.08 0.50
CA ALA B 155 -4.60 0.34 1.76
C ALA B 155 -3.52 1.39 1.54
N ALA B 156 -2.77 1.28 0.43
CA ALA B 156 -1.76 2.28 0.12
C ALA B 156 -2.39 3.56 -0.39
N LEU B 157 -3.53 3.48 -1.07
CA LEU B 157 -4.20 4.68 -1.55
C LEU B 157 -4.84 5.45 -0.41
N ASN B 158 -5.36 4.75 0.60
CA ASN B 158 -5.96 5.44 1.75
C ASN B 158 -4.91 6.25 2.52
N HIS B 159 -3.72 5.68 2.70
CA HIS B 159 -2.65 6.41 3.36
C HIS B 159 -2.23 7.63 2.56
N PHE B 160 -2.28 7.54 1.23
CA PHE B 160 -1.92 8.68 0.40
C PHE B 160 -2.93 9.80 0.50
N ALA B 161 -4.20 9.48 0.76
CA ALA B 161 -5.20 10.52 0.98
C ALA B 161 -4.90 11.32 2.24
N MET B 162 -4.44 10.64 3.30
CA MET B 162 -4.07 11.35 4.52
C MET B 162 -2.79 12.14 4.33
N THR B 163 -1.83 11.58 3.58
CA THR B 163 -0.58 12.30 3.33
C THR B 163 -0.82 13.54 2.47
N LEU B 164 -1.66 13.42 1.43
CA LEU B 164 -1.94 14.57 0.57
C LEU B 164 -2.66 15.67 1.32
N ALA B 165 -3.59 15.29 2.20
CA ALA B 165 -4.37 16.28 2.95
C ALA B 165 -3.57 16.94 4.07
N ASN B 166 -2.51 16.30 4.54
CA ASN B 166 -1.69 16.85 5.61
C ASN B 166 -0.48 17.62 5.11
N GLU B 167 -0.01 17.36 3.90
CA GLU B 167 1.12 18.08 3.33
C GLU B 167 0.68 19.35 2.63
N GLU B 168 -0.35 19.27 1.79
CA GLU B 168 -0.88 20.43 1.08
C GLU B 168 -2.22 20.79 1.71
N ARG B 169 -2.21 21.79 2.58
CA ARG B 169 -3.44 22.28 3.18
C ARG B 169 -4.29 23.06 2.19
N GLN B 170 -3.75 23.40 1.02
CA GLN B 170 -4.53 24.05 -0.02
C GLN B 170 -5.46 23.09 -0.75
N VAL B 171 -5.25 21.79 -0.61
CA VAL B 171 -6.10 20.79 -1.22
C VAL B 171 -6.81 20.00 -0.13
N LYS B 172 -7.82 19.24 -0.53
CA LYS B 172 -8.61 18.43 0.39
C LYS B 172 -8.75 17.04 -0.22
N ALA B 173 -8.22 16.03 0.47
CA ALA B 173 -8.25 14.67 -0.01
C ALA B 173 -9.11 13.81 0.91
N ILE B 174 -9.76 12.80 0.31
CA ILE B 174 -10.59 11.86 1.06
C ILE B 174 -10.60 10.54 0.30
N ALA B 175 -10.84 9.46 1.04
CA ALA B 175 -10.91 8.12 0.46
C ALA B 175 -12.22 7.48 0.92
N VAL B 176 -13.19 7.38 0.02
CA VAL B 176 -14.51 6.86 0.33
C VAL B 176 -14.70 5.55 -0.40
N ALA B 177 -15.16 4.52 0.32
CA ALA B 177 -15.46 3.22 -0.28
C ALA B 177 -16.93 3.14 -0.66
N PRO B 178 -17.25 2.59 -1.83
CA PRO B 178 -18.65 2.53 -2.27
C PRO B 178 -19.42 1.32 -1.75
N GLY B 179 -18.88 0.59 -0.78
CA GLY B 179 -19.54 -0.64 -0.35
C GLY B 179 -19.38 -1.71 -1.41
N ILE B 180 -20.49 -2.35 -1.76
CA ILE B 180 -20.53 -3.35 -2.82
C ILE B 180 -21.59 -2.93 -3.83
N VAL B 181 -21.18 -2.67 -5.06
CA VAL B 181 -22.03 -2.06 -6.07
C VAL B 181 -22.29 -3.05 -7.19
N ASP B 182 -23.50 -2.97 -7.78
CA ASP B 182 -23.86 -3.74 -8.96
C ASP B 182 -23.18 -3.10 -10.16
N THR B 183 -21.94 -3.48 -10.38
CA THR B 183 -21.14 -3.01 -11.51
C THR B 183 -20.62 -4.20 -12.30
N ASP B 184 -19.76 -3.93 -13.27
CA ASP B 184 -19.16 -4.99 -14.07
C ASP B 184 -18.09 -5.75 -13.30
N MET B 185 -17.54 -5.18 -12.24
CA MET B 185 -16.52 -5.88 -11.46
C MET B 185 -17.13 -6.99 -10.63
N GLN B 186 -18.31 -6.74 -10.04
CA GLN B 186 -18.96 -7.77 -9.23
C GLN B 186 -19.46 -8.93 -10.10
N VAL B 187 -19.80 -8.64 -11.36
CA VAL B 187 -20.14 -9.72 -12.28
C VAL B 187 -18.92 -10.59 -12.55
N ASN B 188 -17.73 -9.99 -12.60
CA ASN B 188 -16.50 -10.75 -12.79
C ASN B 188 -16.18 -11.60 -11.56
N ILE B 189 -16.65 -11.19 -10.38
CA ILE B 189 -16.35 -11.93 -9.16
C ILE B 189 -17.20 -13.21 -9.10
N ARG B 190 -18.50 -13.09 -9.35
CA ARG B 190 -19.40 -14.22 -9.20
C ARG B 190 -19.28 -15.25 -10.32
N GLU B 191 -18.58 -14.94 -11.40
CA GLU B 191 -18.58 -15.85 -12.54
C GLU B 191 -17.18 -16.19 -13.04
N ASN B 192 -16.24 -15.23 -13.01
CA ASN B 192 -14.94 -15.46 -13.60
C ASN B 192 -13.88 -15.85 -12.56
N VAL B 193 -13.35 -14.87 -11.84
CA VAL B 193 -12.28 -15.13 -10.89
C VAL B 193 -12.76 -15.80 -9.61
N GLY B 194 -14.07 -15.91 -9.41
CA GLY B 194 -14.61 -16.53 -8.23
C GLY B 194 -14.28 -18.00 -8.12
N PRO B 195 -14.87 -18.82 -9.01
CA PRO B 195 -14.55 -20.26 -9.02
C PRO B 195 -13.17 -20.54 -9.60
N SER B 196 -12.19 -19.69 -9.28
CA SER B 196 -10.84 -19.85 -9.78
C SER B 196 -9.83 -19.71 -8.66
N SER B 197 -9.78 -18.54 -8.01
CA SER B 197 -8.79 -18.27 -6.99
C SER B 197 -9.36 -18.08 -5.60
N MET B 198 -10.64 -17.75 -5.49
CA MET B 198 -11.23 -17.32 -4.23
C MET B 198 -11.91 -18.48 -3.50
N SER B 199 -12.22 -18.24 -2.23
CA SER B 199 -12.81 -19.24 -1.36
C SER B 199 -14.22 -19.59 -1.80
N ALA B 200 -14.83 -20.53 -1.09
CA ALA B 200 -16.23 -20.88 -1.32
C ALA B 200 -17.17 -20.07 -0.43
N GLU B 201 -16.80 -19.85 0.83
CA GLU B 201 -17.69 -19.16 1.76
C GLU B 201 -17.88 -17.69 1.37
N GLN B 202 -16.81 -17.03 0.93
CA GLN B 202 -16.92 -15.62 0.55
C GLN B 202 -17.65 -15.43 -0.78
N LEU B 203 -17.67 -16.45 -1.65
CA LEU B 203 -18.44 -16.35 -2.87
C LEU B 203 -19.93 -16.54 -2.62
N LYS B 204 -20.29 -17.49 -1.73
CA LYS B 204 -21.67 -17.59 -1.29
C LYS B 204 -22.13 -16.33 -0.56
N MET B 205 -21.19 -15.54 -0.04
CA MET B 205 -21.52 -14.22 0.48
C MET B 205 -21.77 -13.22 -0.65
N PHE B 206 -20.98 -13.30 -1.72
CA PHE B 206 -21.13 -12.35 -2.81
C PHE B 206 -22.24 -12.74 -3.77
N ARG B 207 -22.37 -14.04 -4.09
CA ARG B 207 -23.45 -14.47 -4.96
C ARG B 207 -24.80 -14.36 -4.25
N GLY B 208 -24.84 -14.66 -2.96
CA GLY B 208 -26.04 -14.40 -2.18
C GLY B 208 -26.34 -12.93 -2.01
N LEU B 209 -25.34 -12.07 -2.18
CA LEU B 209 -25.58 -10.63 -2.13
C LEU B 209 -26.38 -10.15 -3.32
N LYS B 210 -26.17 -10.75 -4.50
CA LYS B 210 -26.94 -10.38 -5.68
C LYS B 210 -28.34 -11.00 -5.63
N GLU B 211 -28.43 -12.26 -5.22
CA GLU B 211 -29.73 -12.92 -5.10
C GLU B 211 -30.61 -12.28 -4.02
N ASN B 212 -30.00 -11.61 -3.05
CA ASN B 212 -30.74 -10.88 -2.02
C ASN B 212 -31.06 -9.45 -2.43
N ASN B 213 -30.76 -9.07 -3.66
CA ASN B 213 -30.97 -7.71 -4.16
C ASN B 213 -30.26 -6.66 -3.33
N GLN B 214 -29.18 -7.04 -2.65
CA GLN B 214 -28.43 -6.14 -1.80
C GLN B 214 -27.33 -5.39 -2.55
N LEU B 215 -27.11 -5.70 -3.82
CA LEU B 215 -26.15 -4.96 -4.63
C LEU B 215 -26.66 -3.55 -4.86
N LEU B 216 -25.89 -2.55 -4.42
CA LEU B 216 -26.27 -1.17 -4.63
C LEU B 216 -26.20 -0.82 -6.11
N ASP B 217 -27.16 -0.02 -6.56
CA ASP B 217 -27.05 0.59 -7.89
C ASP B 217 -25.93 1.63 -7.86
N SER B 218 -25.20 1.74 -8.98
CA SER B 218 -24.08 2.67 -9.03
C SER B 218 -24.52 4.13 -8.96
N SER B 219 -25.82 4.40 -8.85
CA SER B 219 -26.31 5.76 -8.67
C SER B 219 -26.16 6.26 -7.24
N VAL B 220 -26.12 5.37 -6.26
CA VAL B 220 -26.07 5.74 -4.85
C VAL B 220 -24.68 6.20 -4.46
N PRO B 221 -23.61 5.41 -4.64
CA PRO B 221 -22.29 5.89 -4.22
C PRO B 221 -21.72 6.95 -5.13
N ALA B 222 -22.08 6.94 -6.42
CA ALA B 222 -21.59 7.97 -7.33
C ALA B 222 -22.10 9.35 -6.94
N THR B 223 -23.28 9.43 -6.32
CA THR B 223 -23.77 10.71 -5.85
C THR B 223 -22.89 11.27 -4.75
N VAL B 224 -22.35 10.39 -3.89
CA VAL B 224 -21.43 10.85 -2.86
C VAL B 224 -20.12 11.32 -3.46
N TYR B 225 -19.60 10.59 -4.44
CA TYR B 225 -18.37 11.01 -5.11
C TYR B 225 -18.59 12.28 -5.93
N ALA B 226 -19.80 12.49 -6.44
CA ALA B 226 -20.08 13.67 -7.24
C ALA B 226 -20.31 14.90 -6.36
N LYS B 227 -21.11 14.75 -5.31
CA LYS B 227 -21.37 15.88 -4.42
C LYS B 227 -20.13 16.32 -3.66
N LEU B 228 -19.21 15.38 -3.38
CA LEU B 228 -17.95 15.75 -2.75
C LEU B 228 -17.08 16.57 -3.69
N ALA B 229 -17.19 16.33 -5.00
CA ALA B 229 -16.41 17.11 -5.96
C ALA B 229 -17.02 18.47 -6.23
N LEU B 230 -18.35 18.58 -6.17
CA LEU B 230 -19.01 19.86 -6.42
C LEU B 230 -18.97 20.76 -5.18
N HIS B 231 -19.69 20.38 -4.12
CA HIS B 231 -19.79 21.19 -2.93
C HIS B 231 -18.52 21.20 -2.10
N GLY B 232 -17.56 20.32 -2.39
CA GLY B 232 -16.31 20.30 -1.68
C GLY B 232 -16.32 19.34 -0.50
N ILE B 233 -15.11 18.94 -0.10
CA ILE B 233 -14.95 18.01 1.02
C ILE B 233 -14.96 18.81 2.32
N PRO B 234 -15.73 18.41 3.32
CA PRO B 234 -15.71 19.12 4.61
C PRO B 234 -14.38 18.97 5.31
N ASP B 235 -14.16 19.83 6.30
CA ASP B 235 -12.91 19.82 7.03
C ASP B 235 -12.86 18.74 8.10
N GLY B 236 -14.01 18.35 8.65
CA GLY B 236 -14.05 17.35 9.69
C GLY B 236 -13.72 15.93 9.24
N VAL B 237 -13.62 15.70 7.93
CA VAL B 237 -13.35 14.38 7.40
C VAL B 237 -12.21 14.46 6.39
N ASN B 238 -11.41 15.52 6.47
CA ASN B 238 -10.34 15.74 5.52
C ASN B 238 -9.21 14.74 5.78
N GLY B 239 -8.88 13.93 4.77
CA GLY B 239 -7.80 12.97 4.87
C GLY B 239 -8.18 11.64 5.45
N GLN B 240 -9.41 11.46 5.91
CA GLN B 240 -9.83 10.22 6.52
C GLN B 240 -10.37 9.25 5.48
N TYR B 241 -10.44 7.98 5.86
CA TYR B 241 -11.08 6.95 5.06
C TYR B 241 -12.46 6.67 5.63
N LEU B 242 -13.49 6.78 4.79
CA LEU B 242 -14.86 6.55 5.21
C LEU B 242 -15.57 5.71 4.17
N SER B 243 -16.86 5.47 4.40
CA SER B 243 -17.72 4.79 3.45
C SER B 243 -18.78 5.76 2.93
N TYR B 244 -19.52 5.32 1.91
CA TYR B 244 -20.50 6.19 1.28
C TYR B 244 -21.61 6.59 2.24
N ASN B 245 -22.02 5.68 3.12
CA ASN B 245 -23.13 5.91 4.03
C ASN B 245 -22.67 6.29 5.43
N ASP B 246 -21.50 6.89 5.55
CA ASP B 246 -21.04 7.35 6.85
C ASP B 246 -21.88 8.53 7.31
N PRO B 247 -22.26 8.58 8.59
CA PRO B 247 -23.07 9.71 9.07
C PRO B 247 -22.42 11.06 8.85
N ALA B 248 -21.09 11.13 8.80
CA ALA B 248 -20.42 12.38 8.50
C ALA B 248 -20.61 12.79 7.05
N LEU B 249 -20.80 11.81 6.15
CA LEU B 249 -21.05 12.05 4.74
C LEU B 249 -22.53 11.95 4.40
N ALA B 250 -23.41 12.44 5.29
CA ALA B 250 -24.84 12.33 5.07
C ALA B 250 -25.34 13.36 4.07
N ASP B 251 -24.78 14.57 4.10
CA ASP B 251 -25.20 15.63 3.19
C ASP B 251 -24.81 15.36 1.75
N PHE B 252 -24.03 14.31 1.48
CA PHE B 252 -23.62 13.95 0.14
C PHE B 252 -24.40 12.77 -0.42
N MET B 253 -25.47 12.34 0.27
CA MET B 253 -26.35 11.25 -0.12
C MET B 253 -27.56 11.79 -0.88
N PRO B 254 -28.11 11.01 -1.81
CA PRO B 254 -29.29 11.41 -2.58
C PRO B 254 -30.50 11.72 -1.70
#